data_7SEC
#
_entry.id   7SEC
#
_cell.length_a   68.384
_cell.length_b   68.874
_cell.length_c   136.436
_cell.angle_alpha   90.000
_cell.angle_beta   90.000
_cell.angle_gamma   90.000
#
_symmetry.space_group_name_H-M   'P 21 2 21'
#
loop_
_entity.id
_entity.type
_entity.pdbx_description
1 polymer "rRNA 2'-O-methyltransferase fibrillarin"
2 non-polymer 'FORMIC ACID'
3 non-polymer 2-[(8S)-4-oxo-2-(trifluoromethyl)-4,5-dihydropyrazolo[1,5-a]pyrazin-6-yl]acetamide
4 non-polymer 'DIMETHYL SULFOXIDE'
5 water water
#
_entity_poly.entity_id   1
_entity_poly.type   'polypeptide(L)'
_entity_poly.pdbx_seq_one_letter_code
;SNAGKNVMVEPHRHEGVFICRGKEDALVTKNLVPGESVYGEKRVSISEGDDKIEYRAWNPFRSKLAAAILGGVDQIHIKP
GAKVLYLGAASGTTVSHVSDIVGPDGLVYAVEFSHRSGRDLINLAKKRTNIIPVIEDARHPHKYRMLIAMVDVIFADVAQ
PDQTRIVALNAHTFLRNGGHFVISIKANCIDSTASAEAVFASEVKKMQQENMKPQEQLTLEPYERDHAVVVGVYRPPPKV
KN
;
_entity_poly.pdbx_strand_id   A,B
#
# COMPACT_ATOMS: atom_id res chain seq x y z
N VAL A 7 -21.87 -33.32 3.14
CA VAL A 7 -21.06 -32.89 1.99
C VAL A 7 -19.59 -32.90 2.42
N MET A 8 -18.73 -33.38 1.53
CA MET A 8 -17.34 -33.66 1.88
C MET A 8 -16.33 -32.69 1.27
N VAL A 9 -16.72 -31.89 0.30
CA VAL A 9 -15.92 -30.76 -0.16
C VAL A 9 -16.87 -29.59 -0.34
N GLU A 10 -16.70 -28.55 0.51
CA GLU A 10 -17.45 -27.32 0.64
C GLU A 10 -16.88 -26.26 -0.29
N PRO A 11 -17.70 -25.46 -0.96
CA PRO A 11 -17.15 -24.30 -1.68
C PRO A 11 -16.64 -23.25 -0.71
N HIS A 12 -15.54 -22.63 -1.10
CA HIS A 12 -14.91 -21.54 -0.39
C HIS A 12 -15.62 -20.25 -0.76
N ARG A 13 -15.38 -19.21 0.05
CA ARG A 13 -15.87 -17.89 -0.31
C ARG A 13 -15.51 -17.55 -1.76
N HIS A 14 -14.26 -17.79 -2.13
CA HIS A 14 -13.81 -17.56 -3.50
C HIS A 14 -14.40 -18.59 -4.44
N GLU A 15 -15.05 -18.10 -5.49
CA GLU A 15 -15.66 -18.96 -6.50
C GLU A 15 -14.63 -19.82 -7.22
N GLY A 16 -14.88 -21.12 -7.27
CA GLY A 16 -13.98 -22.07 -7.91
C GLY A 16 -12.96 -22.65 -6.96
N VAL A 17 -12.92 -22.18 -5.73
CA VAL A 17 -12.03 -22.68 -4.72
C VAL A 17 -12.87 -23.47 -3.74
N PHE A 18 -12.32 -24.56 -3.25
CA PHE A 18 -13.02 -25.43 -2.33
C PHE A 18 -12.11 -25.77 -1.17
N ILE A 19 -12.67 -26.42 -0.17
CA ILE A 19 -11.97 -26.61 1.10
C ILE A 19 -12.41 -27.94 1.70
N CYS A 20 -11.45 -28.65 2.32
CA CYS A 20 -11.71 -29.90 3.03
C CYS A 20 -11.77 -29.72 4.54
N ALA A 26 -6.44 -29.38 2.36
CA ALA A 26 -7.29 -28.33 2.93
C ALA A 26 -7.89 -27.49 1.79
N LEU A 27 -7.10 -26.61 1.13
CA LEU A 27 -7.59 -25.89 -0.05
C LEU A 27 -7.52 -26.80 -1.27
N VAL A 28 -8.60 -26.86 -2.06
CA VAL A 28 -8.61 -27.64 -3.29
C VAL A 28 -9.35 -26.86 -4.38
N THR A 29 -9.01 -27.21 -5.62
CA THR A 29 -9.71 -26.73 -6.80
C THR A 29 -10.25 -27.91 -7.58
N LYS A 30 -11.28 -27.67 -8.38
CA LYS A 30 -11.84 -28.69 -9.25
C LYS A 30 -10.88 -28.97 -10.40
N ASN A 31 -10.43 -30.21 -10.48
CA ASN A 31 -9.44 -30.59 -11.48
C ASN A 31 -10.04 -30.54 -12.89
N LEU A 32 -9.55 -29.62 -13.70
CA LEU A 32 -9.97 -29.56 -15.11
C LEU A 32 -9.57 -30.80 -15.89
N VAL A 33 -8.57 -31.54 -15.42
CA VAL A 33 -8.05 -32.71 -16.13
C VAL A 33 -8.14 -33.92 -15.20
N PRO A 34 -9.32 -34.49 -15.01
CA PRO A 34 -9.44 -35.58 -14.02
C PRO A 34 -8.44 -36.70 -14.30
N GLY A 35 -7.78 -37.15 -13.23
CA GLY A 35 -6.80 -38.21 -13.31
C GLY A 35 -5.36 -37.77 -13.34
N GLU A 36 -5.08 -36.48 -13.51
CA GLU A 36 -3.72 -35.99 -13.68
C GLU A 36 -3.33 -35.09 -12.52
N SER A 37 -2.14 -35.32 -11.97
CA SER A 37 -1.47 -34.40 -11.07
C SER A 37 -0.48 -33.56 -11.87
N VAL A 38 -0.19 -32.38 -11.35
CA VAL A 38 0.72 -31.45 -12.00
C VAL A 38 2.07 -31.43 -11.32
N TYR A 39 2.09 -31.48 -9.99
CA TYR A 39 3.31 -31.33 -9.24
C TYR A 39 3.35 -32.29 -8.04
N GLY A 40 2.71 -33.44 -8.17
CA GLY A 40 2.67 -34.43 -7.12
C GLY A 40 1.60 -34.21 -6.09
N GLU A 41 0.67 -33.31 -6.34
CA GLU A 41 -0.35 -33.00 -5.35
C GLU A 41 -1.34 -34.16 -5.22
N LYS A 42 -1.88 -34.31 -4.01
CA LYS A 42 -2.99 -35.22 -3.76
C LYS A 42 -4.19 -34.88 -4.63
N ARG A 43 -4.90 -35.91 -5.10
CA ARG A 43 -6.16 -35.75 -5.79
C ARG A 43 -7.26 -36.47 -5.02
N VAL A 44 -8.36 -35.77 -4.77
CA VAL A 44 -9.52 -36.31 -4.06
C VAL A 44 -10.69 -36.35 -5.04
N SER A 45 -11.19 -37.55 -5.33
CA SER A 45 -12.37 -37.72 -6.16
C SER A 45 -13.56 -38.22 -5.34
N ILE A 46 -14.72 -37.59 -5.54
CA ILE A 46 -15.95 -37.92 -4.82
C ILE A 46 -17.00 -38.36 -5.83
N SER A 47 -17.51 -39.57 -5.65
CA SER A 47 -18.55 -40.14 -6.49
C SER A 47 -19.78 -40.41 -5.64
N GLU A 48 -20.95 -40.06 -6.18
CA GLU A 48 -22.25 -40.35 -5.54
C GLU A 48 -23.19 -40.78 -6.66
N GLY A 49 -23.22 -42.07 -6.95
CA GLY A 49 -24.03 -42.60 -8.04
C GLY A 49 -23.25 -42.61 -9.34
N ASP A 50 -23.79 -41.95 -10.37
CA ASP A 50 -23.08 -41.72 -11.62
C ASP A 50 -22.30 -40.41 -11.60
N ASP A 51 -22.57 -39.53 -10.64
CA ASP A 51 -21.89 -38.25 -10.53
C ASP A 51 -20.51 -38.42 -9.90
N LYS A 52 -19.51 -37.75 -10.50
CA LYS A 52 -18.12 -37.83 -10.07
C LYS A 52 -17.48 -36.47 -10.27
N ILE A 53 -16.78 -35.97 -9.24
CA ILE A 53 -16.00 -34.75 -9.34
C ILE A 53 -14.66 -34.96 -8.65
N GLU A 54 -13.57 -34.62 -9.34
CA GLU A 54 -12.23 -34.72 -8.79
C GLU A 54 -11.67 -33.34 -8.45
N TYR A 55 -11.06 -33.23 -7.28
CA TYR A 55 -10.36 -32.03 -6.87
C TYR A 55 -8.86 -32.28 -6.76
N ARG A 56 -8.10 -31.18 -6.75
CA ARG A 56 -6.66 -31.22 -6.58
C ARG A 56 -6.25 -30.39 -5.36
N ALA A 57 -5.38 -30.96 -4.53
CA ALA A 57 -4.86 -30.24 -3.39
C ALA A 57 -3.97 -29.09 -3.86
N TRP A 58 -4.18 -27.92 -3.28
CA TRP A 58 -3.49 -26.68 -3.63
C TRP A 58 -2.52 -26.35 -2.49
N ASN A 59 -1.23 -26.53 -2.73
CA ASN A 59 -0.23 -26.44 -1.66
C ASN A 59 0.18 -24.99 -1.39
N PRO A 60 -0.03 -24.47 -0.18
CA PRO A 60 0.34 -23.07 0.09
C PRO A 60 1.82 -22.88 0.35
N PHE A 61 2.59 -23.94 0.55
CA PHE A 61 4.04 -23.77 0.64
C PHE A 61 4.69 -23.69 -0.74
N ARG A 62 3.95 -24.03 -1.79
CA ARG A 62 4.45 -23.85 -3.15
C ARG A 62 3.83 -22.65 -3.84
N SER A 63 2.55 -22.39 -3.59
CA SER A 63 1.78 -21.44 -4.36
C SER A 63 1.46 -20.25 -3.47
N LYS A 64 2.02 -19.09 -3.83
CA LYS A 64 1.78 -17.88 -3.07
C LYS A 64 0.29 -17.55 -3.03
N LEU A 65 -0.42 -17.82 -4.12
CA LEU A 65 -1.86 -17.54 -4.19
C LEU A 65 -2.65 -18.37 -3.18
N ALA A 66 -2.33 -19.65 -3.05
CA ALA A 66 -3.04 -20.45 -2.06
C ALA A 66 -2.70 -19.96 -0.64
N ALA A 67 -1.44 -19.62 -0.40
CA ALA A 67 -1.08 -19.01 0.88
C ALA A 67 -1.88 -17.76 1.13
N ALA A 68 -2.07 -16.92 0.09
CA ALA A 68 -2.84 -15.70 0.24
C ALA A 68 -4.31 -15.99 0.58
N ILE A 69 -4.92 -16.95 -0.11
CA ILE A 69 -6.32 -17.27 0.19
C ILE A 69 -6.45 -17.76 1.62
N LEU A 70 -5.54 -18.65 2.05
CA LEU A 70 -5.59 -19.13 3.43
C LEU A 70 -5.38 -17.99 4.42
N GLY A 71 -4.48 -17.07 4.10
CA GLY A 71 -4.28 -15.91 4.92
C GLY A 71 -5.44 -14.95 5.00
N GLY A 72 -6.51 -15.19 4.25
CA GLY A 72 -7.68 -14.35 4.35
C GLY A 72 -7.80 -13.20 3.39
N VAL A 73 -7.22 -13.33 2.19
CA VAL A 73 -7.29 -12.28 1.19
C VAL A 73 -8.75 -12.11 0.77
N ASP A 74 -9.16 -10.85 0.56
CA ASP A 74 -10.56 -10.57 0.28
C ASP A 74 -10.97 -10.93 -1.16
N GLN A 75 -10.16 -10.54 -2.15
CA GLN A 75 -10.46 -10.83 -3.56
C GLN A 75 -9.29 -11.54 -4.23
N ILE A 76 -9.60 -12.41 -5.19
CA ILE A 76 -8.56 -12.97 -6.05
C ILE A 76 -8.83 -12.71 -7.52
N HIS A 77 -10.01 -12.20 -7.85
CA HIS A 77 -10.40 -11.68 -9.16
C HIS A 77 -10.27 -12.69 -10.28
N ILE A 78 -10.10 -13.94 -9.98
CA ILE A 78 -10.25 -14.98 -10.98
C ILE A 78 -11.51 -15.74 -10.62
N LYS A 79 -12.24 -16.12 -11.65
CA LYS A 79 -13.52 -16.81 -11.52
C LYS A 79 -13.78 -17.47 -12.85
N PRO A 80 -14.76 -18.36 -12.93
CA PRO A 80 -15.09 -18.99 -14.22
C PRO A 80 -15.24 -17.96 -15.31
N GLY A 81 -14.55 -18.19 -16.43
CA GLY A 81 -14.57 -17.30 -17.56
C GLY A 81 -13.54 -16.19 -17.54
N ALA A 82 -12.81 -16.00 -16.46
CA ALA A 82 -11.84 -14.90 -16.42
C ALA A 82 -10.69 -15.10 -17.42
N LYS A 83 -10.18 -13.99 -17.92
CA LYS A 83 -8.99 -13.99 -18.78
C LYS A 83 -7.83 -13.49 -17.94
N VAL A 84 -6.72 -14.24 -17.95
CA VAL A 84 -5.62 -14.05 -17.02
C VAL A 84 -4.30 -13.99 -17.77
N LEU A 85 -3.43 -13.08 -17.36
CA LEU A 85 -2.01 -13.07 -17.73
C LEU A 85 -1.18 -13.32 -16.48
N TYR A 86 -0.45 -14.42 -16.51
CA TYR A 86 0.44 -14.86 -15.43
C TYR A 86 1.88 -14.72 -15.91
N LEU A 87 2.60 -13.79 -15.29
CA LEU A 87 3.99 -13.53 -15.61
C LEU A 87 4.87 -14.32 -14.66
N GLY A 88 5.85 -15.03 -15.19
CA GLY A 88 6.66 -15.91 -14.37
C GLY A 88 5.96 -17.19 -13.99
N ALA A 89 5.26 -17.80 -14.96
CA ALA A 89 4.47 -19.02 -14.80
C ALA A 89 5.33 -20.24 -14.46
N ALA A 90 6.65 -20.14 -14.61
CA ALA A 90 7.58 -21.21 -14.24
C ALA A 90 7.00 -22.52 -14.78
N SER A 91 6.86 -23.56 -13.96
CA SER A 91 6.42 -24.87 -14.44
C SER A 91 4.93 -25.11 -14.29
N GLY A 92 4.16 -24.08 -13.91
CA GLY A 92 2.72 -24.19 -13.98
C GLY A 92 2.04 -24.53 -12.66
N THR A 93 2.77 -24.56 -11.57
CA THR A 93 2.17 -24.94 -10.30
C THR A 93 0.95 -24.09 -10.00
N THR A 94 1.15 -22.79 -9.78
CA THR A 94 0.02 -21.91 -9.50
C THR A 94 -0.88 -21.78 -10.73
N VAL A 95 -0.30 -21.74 -11.92
CA VAL A 95 -1.12 -21.60 -13.12
C VAL A 95 -2.12 -22.76 -13.23
N SER A 96 -1.70 -23.99 -12.88
CA SER A 96 -2.64 -25.10 -13.00
C SER A 96 -3.92 -24.84 -12.22
N HIS A 97 -3.80 -24.24 -11.03
CA HIS A 97 -4.99 -24.01 -10.23
C HIS A 97 -5.78 -22.83 -10.76
N VAL A 98 -5.10 -21.78 -11.25
CA VAL A 98 -5.83 -20.69 -11.92
C VAL A 98 -6.63 -21.25 -13.09
N SER A 99 -6.06 -22.20 -13.82
CA SER A 99 -6.75 -22.85 -14.94
C SER A 99 -7.96 -23.64 -14.48
N ASP A 100 -7.83 -24.40 -13.38
CA ASP A 100 -9.00 -25.04 -12.78
C ASP A 100 -10.13 -24.04 -12.52
N ILE A 101 -9.77 -22.89 -11.93
CA ILE A 101 -10.77 -21.93 -11.49
C ILE A 101 -11.45 -21.26 -12.67
N VAL A 102 -10.68 -20.83 -13.67
CA VAL A 102 -11.33 -20.08 -14.74
C VAL A 102 -12.14 -21.02 -15.63
N GLY A 103 -11.80 -22.30 -15.65
CA GLY A 103 -12.55 -23.28 -16.39
C GLY A 103 -12.34 -23.22 -17.89
N PRO A 104 -13.09 -24.03 -18.64
CA PRO A 104 -12.82 -24.14 -20.10
C PRO A 104 -13.22 -22.90 -20.87
N ASP A 105 -14.08 -22.06 -20.33
CA ASP A 105 -14.38 -20.79 -20.99
C ASP A 105 -13.50 -19.63 -20.53
N GLY A 106 -12.62 -19.78 -19.55
CA GLY A 106 -11.59 -18.82 -19.26
C GLY A 106 -10.33 -19.00 -20.10
N LEU A 107 -9.31 -18.22 -19.75
CA LEU A 107 -8.05 -18.23 -20.49
C LEU A 107 -6.93 -17.82 -19.54
N VAL A 108 -5.78 -18.51 -19.64
CA VAL A 108 -4.58 -18.20 -18.86
C VAL A 108 -3.37 -18.16 -19.78
N TYR A 109 -2.84 -16.97 -19.98
CA TYR A 109 -1.58 -16.81 -20.67
C TYR A 109 -0.49 -16.96 -19.63
N ALA A 110 0.41 -17.88 -19.87
CA ALA A 110 1.44 -18.24 -18.93
C ALA A 110 2.77 -17.86 -19.56
N VAL A 111 3.31 -16.71 -19.14
CA VAL A 111 4.54 -16.17 -19.67
C VAL A 111 5.68 -16.66 -18.78
N GLU A 112 6.68 -17.31 -19.41
CA GLU A 112 7.84 -17.77 -18.68
C GLU A 112 9.06 -17.60 -19.59
N PHE A 113 10.09 -17.00 -19.02
CA PHE A 113 11.35 -16.77 -19.71
C PHE A 113 12.16 -18.07 -19.79
N SER A 114 12.20 -18.85 -18.72
CA SER A 114 13.01 -20.05 -18.71
C SER A 114 12.50 -21.06 -19.74
N HIS A 115 13.40 -21.54 -20.60
CA HIS A 115 13.02 -22.62 -21.50
C HIS A 115 12.83 -23.93 -20.73
N ARG A 116 13.65 -24.18 -19.70
CA ARG A 116 13.42 -25.41 -18.93
C ARG A 116 12.01 -25.43 -18.36
N SER A 117 11.65 -24.36 -17.63
CA SER A 117 10.30 -24.27 -17.06
C SER A 117 9.29 -24.27 -18.18
N GLY A 118 9.62 -23.60 -19.28
CA GLY A 118 8.70 -23.52 -20.40
C GLY A 118 8.26 -24.87 -20.91
N ARG A 119 9.18 -25.85 -20.89
CA ARG A 119 8.80 -27.17 -21.38
C ARG A 119 7.78 -27.82 -20.47
N ASP A 120 7.94 -27.66 -19.14
CA ASP A 120 6.91 -28.11 -18.22
C ASP A 120 5.57 -27.45 -18.52
N LEU A 121 5.60 -26.14 -18.77
CA LEU A 121 4.40 -25.36 -19.07
C LEU A 121 3.72 -25.85 -20.34
N ILE A 122 4.49 -26.02 -21.42
CA ILE A 122 3.87 -26.52 -22.65
C ILE A 122 3.26 -27.89 -22.38
N ASN A 123 3.95 -28.72 -21.59
CA ASN A 123 3.41 -30.04 -21.30
C ASN A 123 2.10 -29.94 -20.55
N LEU A 124 2.05 -29.09 -19.51
CA LEU A 124 0.80 -28.84 -18.81
C LEU A 124 -0.28 -28.39 -19.77
N ALA A 125 0.06 -27.48 -20.67
CA ALA A 125 -0.98 -26.88 -21.50
C ALA A 125 -1.47 -27.84 -22.59
N LYS A 126 -0.73 -28.93 -22.84
CA LYS A 126 -1.22 -29.93 -23.79
C LYS A 126 -2.56 -30.48 -23.34
N LYS A 127 -2.76 -30.61 -22.02
CA LYS A 127 -3.96 -31.18 -21.42
C LYS A 127 -5.03 -30.15 -21.12
N ARG A 128 -4.65 -28.87 -21.02
CA ARG A 128 -5.57 -27.83 -20.55
C ARG A 128 -5.76 -26.85 -21.68
N THR A 129 -6.93 -26.89 -22.30
CA THR A 129 -7.18 -26.06 -23.45
C THR A 129 -7.18 -24.57 -23.11
N ASN A 130 -7.23 -24.19 -21.82
CA ASN A 130 -7.31 -22.78 -21.53
C ASN A 130 -5.99 -22.16 -21.17
N ILE A 131 -4.89 -22.91 -21.26
CA ILE A 131 -3.57 -22.36 -21.03
C ILE A 131 -2.85 -22.13 -22.34
N ILE A 132 -2.22 -20.97 -22.46
CA ILE A 132 -1.39 -20.58 -23.58
C ILE A 132 0.01 -20.31 -23.05
N PRO A 133 0.96 -21.20 -23.28
CA PRO A 133 2.33 -20.94 -22.88
C PRO A 133 2.95 -19.91 -23.82
N VAL A 134 3.66 -18.96 -23.23
CA VAL A 134 4.33 -17.90 -23.97
C VAL A 134 5.74 -17.84 -23.43
N ILE A 135 6.68 -18.39 -24.17
CA ILE A 135 8.03 -18.62 -23.67
C ILE A 135 8.84 -17.44 -24.17
N GLU A 136 8.80 -16.35 -23.40
CA GLU A 136 9.27 -15.06 -23.84
C GLU A 136 9.73 -14.28 -22.63
N ASP A 137 10.47 -13.22 -22.91
CA ASP A 137 10.99 -12.30 -21.90
C ASP A 137 9.94 -11.22 -21.66
N ALA A 138 9.31 -11.27 -20.48
CA ALA A 138 8.26 -10.28 -20.16
C ALA A 138 8.75 -8.84 -20.16
N ARG A 139 10.07 -8.62 -20.23
CA ARG A 139 10.58 -7.27 -20.37
C ARG A 139 10.27 -6.64 -21.72
N HIS A 140 9.95 -7.45 -22.74
CA HIS A 140 9.72 -6.94 -24.09
C HIS A 140 8.37 -7.45 -24.56
N PRO A 141 7.29 -6.94 -23.99
CA PRO A 141 5.96 -7.43 -24.38
C PRO A 141 5.67 -7.25 -25.84
N HIS A 142 6.33 -6.33 -26.52
CA HIS A 142 6.03 -6.12 -27.94
C HIS A 142 6.27 -7.39 -28.74
N LYS A 143 7.18 -8.25 -28.26
CA LYS A 143 7.53 -9.46 -29.01
C LYS A 143 6.37 -10.43 -29.08
N TYR A 144 5.48 -10.40 -28.09
CA TYR A 144 4.41 -11.38 -28.01
C TYR A 144 3.04 -10.73 -27.91
N ARG A 145 2.96 -9.42 -28.12
CA ARG A 145 1.70 -8.68 -27.95
C ARG A 145 0.59 -9.17 -28.88
N MET A 146 0.97 -9.69 -30.06
N MET A 146 0.95 -9.69 -30.04
CA MET A 146 -0.02 -10.15 -31.04
CA MET A 146 -0.08 -10.11 -31.00
C MET A 146 -0.75 -11.39 -30.59
C MET A 146 -0.76 -11.41 -30.60
N LEU A 147 -0.20 -12.14 -29.62
CA LEU A 147 -0.85 -13.34 -29.09
C LEU A 147 -1.82 -13.06 -27.94
N ILE A 148 -1.81 -11.87 -27.34
CA ILE A 148 -2.43 -11.66 -26.03
C ILE A 148 -3.70 -10.84 -26.22
N ALA A 149 -4.83 -11.49 -26.12
CA ALA A 149 -6.09 -10.77 -25.99
C ALA A 149 -6.16 -10.09 -24.60
N MET A 150 -6.85 -8.95 -24.56
CA MET A 150 -6.89 -8.16 -23.34
C MET A 150 -7.44 -8.98 -22.18
N VAL A 151 -6.78 -8.89 -21.02
CA VAL A 151 -7.07 -9.74 -19.88
C VAL A 151 -7.75 -8.94 -18.76
N ASP A 152 -8.41 -9.68 -17.88
CA ASP A 152 -9.10 -9.11 -16.72
C ASP A 152 -8.17 -8.99 -15.52
N VAL A 153 -7.14 -9.84 -15.43
CA VAL A 153 -6.34 -9.90 -14.18
C VAL A 153 -4.93 -10.28 -14.59
N ILE A 154 -3.97 -9.73 -13.87
CA ILE A 154 -2.58 -10.12 -14.05
C ILE A 154 -2.02 -10.59 -12.70
N PHE A 155 -1.24 -11.68 -12.77
CA PHE A 155 -0.53 -12.28 -11.67
C PHE A 155 0.97 -12.24 -11.93
N ALA A 156 1.73 -12.01 -10.87
CA ALA A 156 3.17 -12.01 -10.98
C ALA A 156 3.77 -12.13 -9.59
N ASP A 157 4.95 -12.78 -9.54
CA ASP A 157 5.80 -12.78 -8.34
C ASP A 157 6.97 -11.85 -8.63
N VAL A 158 7.07 -10.77 -7.87
CA VAL A 158 8.11 -9.77 -8.03
C VAL A 158 9.28 -10.09 -7.09
N ALA A 159 10.46 -10.36 -7.68
CA ALA A 159 11.62 -10.78 -6.91
C ALA A 159 12.87 -9.98 -7.23
N GLN A 160 12.78 -8.96 -8.08
CA GLN A 160 13.91 -8.06 -8.33
C GLN A 160 13.37 -6.64 -8.37
N PRO A 161 14.24 -5.65 -8.14
CA PRO A 161 13.77 -4.27 -8.08
C PRO A 161 13.26 -3.71 -9.39
N ASP A 162 13.45 -4.39 -10.51
CA ASP A 162 12.92 -3.93 -11.79
C ASP A 162 11.61 -4.60 -12.17
N GLN A 163 11.19 -5.63 -11.44
CA GLN A 163 10.08 -6.45 -11.90
C GLN A 163 8.71 -5.80 -11.74
N THR A 164 8.47 -4.94 -10.74
CA THR A 164 7.17 -4.29 -10.68
C THR A 164 6.93 -3.41 -11.90
N ARG A 165 7.97 -2.72 -12.38
CA ARG A 165 7.84 -1.99 -13.61
C ARG A 165 7.61 -2.92 -14.81
N ILE A 166 8.23 -4.10 -14.80
CA ILE A 166 8.01 -5.05 -15.89
C ILE A 166 6.56 -5.51 -15.89
N VAL A 167 6.02 -5.79 -14.68
CA VAL A 167 4.61 -6.11 -14.56
C VAL A 167 3.75 -4.97 -15.07
N ALA A 168 4.11 -3.73 -14.73
CA ALA A 168 3.30 -2.58 -15.14
C ALA A 168 3.32 -2.38 -16.67
N LEU A 169 4.48 -2.57 -17.30
CA LEU A 169 4.52 -2.42 -18.75
C LEU A 169 3.60 -3.43 -19.41
N ASN A 170 3.56 -4.66 -18.88
CA ASN A 170 2.59 -5.63 -19.36
C ASN A 170 1.15 -5.19 -19.06
N ALA A 171 0.87 -4.63 -17.86
CA ALA A 171 -0.47 -4.13 -17.60
C ALA A 171 -0.87 -3.04 -18.60
N HIS A 172 0.05 -2.11 -18.89
CA HIS A 172 -0.25 -1.04 -19.83
C HIS A 172 -0.53 -1.58 -21.21
N THR A 173 0.03 -2.75 -21.55
CA THR A 173 -0.19 -3.33 -22.85
C THR A 173 -1.43 -4.21 -22.88
N PHE A 174 -1.74 -4.93 -21.80
CA PHE A 174 -2.70 -6.03 -21.87
C PHE A 174 -3.86 -5.99 -20.89
N LEU A 175 -3.76 -5.24 -19.79
CA LEU A 175 -4.76 -5.28 -18.74
C LEU A 175 -5.85 -4.24 -19.02
N ARG A 176 -7.11 -4.66 -19.00
CA ARG A 176 -8.18 -3.71 -19.27
C ARG A 176 -8.24 -2.63 -18.18
N ASN A 177 -8.70 -1.46 -18.58
CA ASN A 177 -9.11 -0.42 -17.62
C ASN A 177 -10.05 -0.99 -16.57
N GLY A 178 -9.65 -0.91 -15.31
CA GLY A 178 -10.46 -1.50 -14.27
C GLY A 178 -10.28 -2.98 -14.05
N GLY A 179 -9.35 -3.62 -14.73
CA GLY A 179 -8.96 -4.95 -14.34
C GLY A 179 -8.12 -4.90 -13.07
N HIS A 180 -7.65 -6.09 -12.64
CA HIS A 180 -7.00 -6.23 -11.34
C HIS A 180 -5.68 -6.98 -11.47
N PHE A 181 -4.89 -6.82 -10.43
CA PHE A 181 -3.59 -7.46 -10.35
C PHE A 181 -3.50 -8.12 -8.99
N VAL A 182 -2.75 -9.21 -8.96
CA VAL A 182 -2.42 -9.96 -7.77
C VAL A 182 -0.93 -10.20 -7.89
N ILE A 183 -0.14 -9.58 -7.04
CA ILE A 183 1.30 -9.52 -7.17
C ILE A 183 1.91 -9.93 -5.83
N SER A 184 2.61 -11.04 -5.82
CA SER A 184 3.38 -11.41 -4.64
C SER A 184 4.73 -10.71 -4.71
N ILE A 185 5.30 -10.44 -3.53
CA ILE A 185 6.53 -9.67 -3.40
C ILE A 185 7.48 -10.43 -2.47
N LYS A 186 8.65 -10.78 -2.99
CA LYS A 186 9.69 -11.53 -2.27
C LYS A 186 10.73 -10.52 -1.84
N ALA A 187 10.54 -9.96 -0.63
CA ALA A 187 11.33 -8.83 -0.19
C ALA A 187 12.84 -9.15 -0.14
N ASN A 188 13.20 -10.35 0.32
CA ASN A 188 14.62 -10.68 0.44
C ASN A 188 15.31 -10.60 -0.91
N CYS A 189 14.60 -11.01 -1.98
CA CYS A 189 15.19 -11.05 -3.31
C CYS A 189 15.30 -9.67 -3.89
N ILE A 190 14.35 -8.79 -3.55
CA ILE A 190 14.35 -7.43 -4.08
C ILE A 190 15.49 -6.59 -3.48
N ASP A 191 15.60 -6.58 -2.14
CA ASP A 191 16.69 -5.83 -1.50
C ASP A 191 16.98 -6.48 -0.15
N SER A 192 18.01 -7.32 -0.10
CA SER A 192 18.30 -7.99 1.17
C SER A 192 18.83 -7.04 2.23
N THR A 193 19.21 -5.83 1.86
CA THR A 193 19.70 -4.86 2.84
C THR A 193 18.60 -3.96 3.42
N ALA A 194 17.35 -4.14 2.96
CA ALA A 194 16.20 -3.37 3.43
C ALA A 194 15.31 -4.24 4.30
N SER A 195 14.54 -3.58 5.19
CA SER A 195 13.52 -4.33 5.94
C SER A 195 12.41 -4.79 4.98
N ALA A 196 11.76 -5.90 5.34
CA ALA A 196 10.64 -6.38 4.54
C ALA A 196 9.61 -5.28 4.36
N GLU A 197 9.31 -4.53 5.45
CA GLU A 197 8.31 -3.46 5.40
C GLU A 197 8.72 -2.38 4.41
N ALA A 198 9.98 -1.99 4.42
CA ALA A 198 10.40 -0.95 3.49
C ALA A 198 10.32 -1.43 2.03
N VAL A 199 10.64 -2.69 1.77
CA VAL A 199 10.55 -3.22 0.41
C VAL A 199 9.09 -3.20 -0.04
N PHE A 200 8.20 -3.69 0.83
CA PHE A 200 6.80 -3.72 0.47
C PHE A 200 6.29 -2.32 0.20
N ALA A 201 6.69 -1.32 1.01
CA ALA A 201 6.19 0.03 0.78
C ALA A 201 6.76 0.56 -0.52
N SER A 202 8.01 0.26 -0.79
CA SER A 202 8.63 0.75 -2.01
C SER A 202 7.94 0.16 -3.25
N GLU A 203 7.64 -1.17 -3.22
CA GLU A 203 6.95 -1.80 -4.35
C GLU A 203 5.53 -1.26 -4.50
N VAL A 204 4.82 -1.02 -3.39
CA VAL A 204 3.47 -0.45 -3.50
C VAL A 204 3.55 0.92 -4.15
N LYS A 205 4.61 1.67 -3.85
CA LYS A 205 4.77 2.99 -4.45
C LYS A 205 5.09 2.88 -5.93
N LYS A 206 5.88 1.88 -6.31
CA LYS A 206 6.15 1.65 -7.73
C LYS A 206 4.87 1.31 -8.47
N MET A 207 4.02 0.48 -7.89
CA MET A 207 2.69 0.21 -8.45
C MET A 207 1.91 1.50 -8.66
N GLN A 208 1.72 2.28 -7.57
CA GLN A 208 0.97 3.52 -7.64
C GLN A 208 1.44 4.40 -8.78
N GLN A 209 2.75 4.48 -8.98
CA GLN A 209 3.27 5.37 -10.00
C GLN A 209 2.91 4.90 -11.41
N GLU A 210 2.44 3.67 -11.55
CA GLU A 210 1.98 3.11 -12.82
C GLU A 210 0.46 2.95 -12.89
N ASN A 211 -0.27 3.66 -12.01
CA ASN A 211 -1.71 3.61 -11.88
C ASN A 211 -2.23 2.23 -11.52
N MET A 212 -1.39 1.44 -10.87
CA MET A 212 -1.83 0.15 -10.29
C MET A 212 -2.07 0.43 -8.81
N LYS A 213 -3.34 0.56 -8.45
CA LYS A 213 -3.70 1.04 -7.12
C LYS A 213 -4.04 -0.08 -6.18
N PRO A 214 -3.23 -0.30 -5.12
CA PRO A 214 -3.50 -1.44 -4.23
C PRO A 214 -4.80 -1.25 -3.51
N GLN A 215 -5.50 -2.34 -3.33
CA GLN A 215 -6.72 -2.36 -2.54
C GLN A 215 -6.60 -3.17 -1.27
N GLU A 216 -5.71 -4.15 -1.22
CA GLU A 216 -5.42 -4.88 0.02
C GLU A 216 -4.04 -5.51 -0.10
N GLN A 217 -3.51 -5.89 1.06
CA GLN A 217 -2.23 -6.58 1.06
C GLN A 217 -2.15 -7.43 2.32
N LEU A 218 -1.32 -8.48 2.28
CA LEU A 218 -1.10 -9.33 3.43
C LEU A 218 0.24 -10.03 3.25
N THR A 219 0.79 -10.49 4.37
CA THR A 219 1.97 -11.34 4.35
C THR A 219 1.51 -12.79 4.41
N LEU A 220 2.45 -13.67 4.15
CA LEU A 220 2.11 -15.05 3.89
C LEU A 220 2.63 -16.01 4.95
N GLU A 221 3.04 -15.47 6.10
CA GLU A 221 3.32 -16.35 7.24
C GLU A 221 2.05 -17.16 7.53
N PRO A 222 2.17 -18.45 7.87
CA PRO A 222 3.38 -19.22 8.11
C PRO A 222 4.02 -19.88 6.90
N TYR A 223 3.50 -19.66 5.70
CA TYR A 223 3.97 -20.41 4.53
C TYR A 223 5.23 -19.80 3.93
N GLU A 224 5.37 -18.50 3.99
CA GLU A 224 6.55 -17.80 3.48
C GLU A 224 7.00 -16.74 4.47
N ARG A 225 8.30 -16.46 4.48
CA ARG A 225 8.88 -15.38 5.27
C ARG A 225 9.10 -14.15 4.42
N ASP A 226 8.74 -12.97 4.96
CA ASP A 226 8.91 -11.69 4.28
C ASP A 226 8.47 -11.74 2.82
N HIS A 227 7.29 -12.29 2.61
CA HIS A 227 6.62 -12.42 1.33
C HIS A 227 5.23 -11.81 1.47
N ALA A 228 4.90 -10.88 0.60
CA ALA A 228 3.60 -10.24 0.66
C ALA A 228 2.84 -10.58 -0.60
N VAL A 229 1.52 -10.45 -0.52
CA VAL A 229 0.65 -10.40 -1.68
C VAL A 229 -0.20 -9.12 -1.63
N VAL A 230 -0.18 -8.39 -2.73
CA VAL A 230 -0.91 -7.15 -2.92
C VAL A 230 -1.95 -7.36 -4.00
N VAL A 231 -3.18 -6.96 -3.73
CA VAL A 231 -4.28 -7.07 -4.70
C VAL A 231 -4.80 -5.67 -4.97
N GLY A 232 -5.01 -5.34 -6.25
CA GLY A 232 -5.50 -4.03 -6.59
C GLY A 232 -6.11 -3.89 -7.98
N VAL A 233 -6.37 -2.63 -8.35
CA VAL A 233 -7.13 -2.27 -9.52
C VAL A 233 -6.27 -1.35 -10.38
N TYR A 234 -6.34 -1.54 -11.69
CA TYR A 234 -5.59 -0.79 -12.67
C TYR A 234 -6.49 0.32 -13.19
N ARG A 235 -6.04 1.56 -13.01
CA ARG A 235 -6.79 2.74 -13.41
C ARG A 235 -5.91 3.67 -14.24
N PRO A 236 -5.66 3.31 -15.50
CA PRO A 236 -4.86 4.17 -16.36
C PRO A 236 -5.57 5.47 -16.68
N PRO A 237 -4.83 6.49 -17.05
CA PRO A 237 -5.45 7.75 -17.54
C PRO A 237 -5.92 7.59 -18.98
N PRO A 238 -6.82 8.49 -19.46
CA PRO A 238 -7.32 8.43 -20.85
C PRO A 238 -6.28 8.70 -21.92
N VAL B 9 15.28 34.86 2.22
CA VAL B 9 14.64 33.76 2.95
C VAL B 9 15.53 33.20 4.04
N GLU B 10 15.15 33.50 5.35
CA GLU B 10 15.83 33.15 6.58
C GLU B 10 15.33 31.82 7.12
N PRO B 11 16.19 31.06 7.79
CA PRO B 11 15.75 29.77 8.34
C PRO B 11 15.00 29.98 9.64
N HIS B 12 14.07 29.07 9.89
CA HIS B 12 13.29 29.12 11.11
C HIS B 12 13.99 28.30 12.18
N ARG B 13 13.57 28.53 13.43
N ARG B 13 13.57 28.54 13.42
CA ARG B 13 13.97 27.72 14.57
CA ARG B 13 14.00 27.72 14.55
C ARG B 13 13.93 26.25 14.21
C ARG B 13 13.95 26.24 14.19
N HIS B 14 12.93 25.85 13.44
CA HIS B 14 12.72 24.45 13.09
C HIS B 14 13.48 24.08 11.84
N GLU B 15 14.23 22.99 11.93
CA GLU B 15 14.91 22.43 10.77
C GLU B 15 13.92 22.16 9.64
N GLY B 16 14.23 22.66 8.46
CA GLY B 16 13.42 22.47 7.27
C GLY B 16 12.42 23.56 7.05
N VAL B 17 12.24 24.44 8.02
CA VAL B 17 11.25 25.50 7.93
C VAL B 17 11.98 26.81 7.71
N PHE B 18 11.32 27.71 6.99
CA PHE B 18 11.93 28.95 6.52
C PHE B 18 10.94 30.09 6.55
N ILE B 19 11.47 31.29 6.80
CA ILE B 19 10.71 32.53 6.93
C ILE B 19 10.96 33.44 5.73
N CYS B 20 9.93 34.16 5.31
CA CYS B 20 10.00 35.00 4.12
C CYS B 20 9.87 36.48 4.47
N ALA B 26 4.66 33.75 4.47
CA ALA B 26 5.55 34.08 5.57
C ALA B 26 6.33 32.82 6.03
N LEU B 27 5.64 31.69 6.21
CA LEU B 27 6.30 30.41 6.44
C LEU B 27 6.47 29.71 5.11
N VAL B 28 7.63 29.11 4.87
CA VAL B 28 7.86 28.36 3.65
C VAL B 28 8.73 27.13 3.90
N THR B 29 8.66 26.18 2.96
CA THR B 29 9.49 24.99 2.99
C THR B 29 10.20 24.82 1.65
N LYS B 30 11.39 24.23 1.72
CA LYS B 30 12.16 23.88 0.54
C LYS B 30 11.37 22.89 -0.30
N ASN B 31 10.92 23.33 -1.47
CA ASN B 31 10.16 22.48 -2.35
C ASN B 31 10.99 21.29 -2.80
N LEU B 32 10.48 20.09 -2.49
CA LEU B 32 11.09 18.84 -2.94
C LEU B 32 10.85 18.58 -4.42
N VAL B 33 9.79 19.16 -4.99
CA VAL B 33 9.49 19.00 -6.41
C VAL B 33 9.53 20.37 -7.07
N PRO B 34 10.71 20.90 -7.38
CA PRO B 34 10.78 22.24 -8.00
C PRO B 34 9.90 22.38 -9.23
N GLY B 35 9.20 23.51 -9.30
CA GLY B 35 8.25 23.80 -10.35
C GLY B 35 6.82 23.51 -9.99
N GLU B 36 6.58 22.65 -9.01
CA GLU B 36 5.26 22.06 -8.78
C GLU B 36 4.59 22.76 -7.61
N SER B 37 3.35 23.18 -7.82
CA SER B 37 2.50 23.69 -6.77
C SER B 37 1.48 22.63 -6.39
N VAL B 38 1.24 22.48 -5.10
CA VAL B 38 0.44 21.38 -4.57
C VAL B 38 -1.01 21.77 -4.36
N TYR B 39 -1.27 22.96 -3.83
CA TYR B 39 -2.64 23.34 -3.51
C TYR B 39 -2.93 24.80 -3.83
N GLY B 40 -2.30 25.32 -4.87
CA GLY B 40 -2.50 26.69 -5.26
C GLY B 40 -1.58 27.67 -4.59
N GLU B 41 -0.60 27.19 -3.81
CA GLU B 41 0.25 28.05 -3.03
C GLU B 41 1.29 28.74 -3.91
N LYS B 42 1.69 29.93 -3.47
CA LYS B 42 2.79 30.63 -4.11
C LYS B 42 4.07 29.84 -3.95
N ARG B 43 4.88 29.83 -5.01
CA ARG B 43 6.24 29.33 -4.94
C ARG B 43 7.18 30.50 -5.19
N VAL B 44 8.33 30.47 -4.51
CA VAL B 44 9.33 31.52 -4.67
C VAL B 44 10.69 30.86 -4.87
N SER B 45 11.31 31.13 -6.01
CA SER B 45 12.63 30.65 -6.34
C SER B 45 13.63 31.78 -6.14
N ILE B 46 14.78 31.45 -5.54
CA ILE B 46 15.87 32.39 -5.34
C ILE B 46 17.08 31.87 -6.09
N SER B 47 17.65 32.72 -6.94
CA SER B 47 18.77 32.34 -7.79
C SER B 47 19.94 33.27 -7.51
N GLU B 48 21.12 32.69 -7.28
CA GLU B 48 22.37 33.44 -7.21
C GLU B 48 23.33 32.87 -8.24
N GLY B 49 23.02 33.09 -9.52
CA GLY B 49 23.84 32.66 -10.63
C GLY B 49 23.71 31.20 -10.94
N ASP B 50 24.64 30.38 -10.43
CA ASP B 50 24.58 28.94 -10.60
C ASP B 50 23.57 28.30 -9.67
N ASP B 51 23.47 28.79 -8.43
CA ASP B 51 22.64 28.18 -7.41
C ASP B 51 21.18 28.63 -7.54
N LYS B 52 20.27 27.74 -7.13
CA LYS B 52 18.84 27.97 -7.21
C LYS B 52 18.18 27.12 -6.13
N ILE B 53 17.21 27.70 -5.42
CA ILE B 53 16.43 27.01 -4.39
C ILE B 53 15.01 27.56 -4.44
N GLU B 54 14.03 26.69 -4.75
CA GLU B 54 12.63 27.09 -4.72
C GLU B 54 12.03 26.74 -3.36
N TYR B 55 11.13 27.57 -2.87
CA TYR B 55 10.38 27.33 -1.65
C TYR B 55 8.89 27.41 -1.94
N ARG B 56 8.08 26.89 -1.02
CA ARG B 56 6.63 26.92 -1.16
C ARG B 56 5.99 27.54 0.07
N ALA B 57 5.00 28.41 -0.18
CA ALA B 57 4.25 29.07 0.89
C ALA B 57 3.42 28.07 1.67
N TRP B 58 3.57 28.08 3.00
CA TRP B 58 2.86 27.17 3.89
C TRP B 58 1.69 27.95 4.50
N ASN B 59 0.49 27.67 4.04
CA ASN B 59 -0.66 28.45 4.49
C ASN B 59 -1.13 28.04 5.88
N PRO B 60 -1.00 28.91 6.88
CA PRO B 60 -1.43 28.52 8.26
C PRO B 60 -2.94 28.46 8.42
N PHE B 61 -3.71 29.01 7.47
CA PHE B 61 -5.16 28.84 7.47
C PHE B 61 -5.60 27.50 6.88
N ARG B 62 -4.68 26.74 6.29
CA ARG B 62 -5.01 25.40 5.85
C ARG B 62 -4.37 24.33 6.73
N SER B 63 -3.13 24.54 7.12
CA SER B 63 -2.33 23.49 7.75
C SER B 63 -2.15 23.86 9.20
N LYS B 64 -2.72 23.04 10.10
CA LYS B 64 -2.62 23.28 11.53
C LYS B 64 -1.17 23.27 11.98
N LEU B 65 -0.31 22.52 11.26
CA LEU B 65 1.10 22.51 11.63
C LEU B 65 1.72 23.89 11.42
N ALA B 66 1.42 24.54 10.30
CA ALA B 66 1.89 25.91 10.04
C ALA B 66 1.35 26.89 11.07
N ALA B 67 0.02 26.83 11.31
CA ALA B 67 -0.54 27.66 12.37
C ALA B 67 0.21 27.46 13.68
N ALA B 68 0.56 26.22 14.02
CA ALA B 68 1.21 25.97 15.31
C ALA B 68 2.63 26.53 15.36
N ILE B 69 3.39 26.39 14.27
CA ILE B 69 4.74 26.94 14.27
C ILE B 69 4.67 28.46 14.45
N LEU B 70 3.83 29.13 13.67
CA LEU B 70 3.62 30.56 13.88
C LEU B 70 3.16 30.85 15.31
N GLY B 71 2.35 29.98 15.88
CA GLY B 71 1.93 30.14 17.24
C GLY B 71 3.02 29.95 18.26
N GLY B 72 4.20 29.55 17.82
CA GLY B 72 5.34 29.42 18.70
C GLY B 72 5.53 28.08 19.37
N VAL B 73 5.20 26.99 18.68
CA VAL B 73 5.42 25.67 19.24
C VAL B 73 6.92 25.44 19.35
N ASP B 74 7.32 24.70 20.39
CA ASP B 74 8.74 24.57 20.66
C ASP B 74 9.37 23.50 19.78
N GLN B 75 8.69 22.36 19.64
CA GLN B 75 9.20 21.17 18.96
C GLN B 75 8.14 20.64 18.01
N ILE B 76 8.54 20.31 16.78
CA ILE B 76 7.67 19.57 15.86
C ILE B 76 8.17 18.17 15.56
N HIS B 77 9.41 17.84 15.95
CA HIS B 77 9.99 16.49 15.84
C HIS B 77 9.96 15.91 14.41
N ILE B 78 10.07 16.76 13.40
CA ILE B 78 10.37 16.27 12.07
C ILE B 78 11.59 17.04 11.60
N LYS B 79 12.40 16.37 10.80
CA LYS B 79 13.67 16.93 10.35
C LYS B 79 14.14 16.02 9.23
N PRO B 80 15.19 16.41 8.51
CA PRO B 80 15.72 15.55 7.45
C PRO B 80 15.98 14.14 7.97
N GLY B 81 15.49 13.15 7.23
CA GLY B 81 15.67 11.78 7.61
C GLY B 81 14.66 11.21 8.57
N ALA B 82 13.70 12.00 9.03
CA ALA B 82 12.74 11.48 10.00
C ALA B 82 11.74 10.57 9.30
N LYS B 83 11.35 9.51 9.99
CA LYS B 83 10.27 8.63 9.55
C LYS B 83 8.98 9.08 10.23
N VAL B 84 7.96 9.36 9.42
CA VAL B 84 6.74 10.03 9.86
C VAL B 84 5.55 9.16 9.48
N LEU B 85 4.61 9.00 10.40
CA LEU B 85 3.31 8.42 10.11
C LEU B 85 2.27 9.52 10.25
N TYR B 86 1.58 9.86 9.14
CA TYR B 86 0.60 10.96 9.13
C TYR B 86 -0.79 10.35 8.92
N LEU B 87 -1.64 10.47 9.93
CA LEU B 87 -2.96 9.88 9.92
C LEU B 87 -3.95 10.95 9.52
N GLY B 88 -4.80 10.64 8.54
CA GLY B 88 -5.73 11.64 8.05
C GLY B 88 -5.02 12.61 7.13
N ALA B 89 -4.27 12.05 6.19
CA ALA B 89 -3.47 12.82 5.24
C ALA B 89 -4.31 13.60 4.24
N ALA B 90 -5.56 13.21 4.03
CA ALA B 90 -6.47 13.97 3.17
C ALA B 90 -5.80 14.12 1.81
N SER B 91 -5.71 15.35 1.25
CA SER B 91 -5.21 15.60 -0.08
C SER B 91 -3.74 15.95 -0.12
N GLY B 92 -3.11 16.11 1.05
CA GLY B 92 -1.70 16.26 1.12
C GLY B 92 -1.21 17.66 1.42
N THR B 93 -2.10 18.59 1.75
CA THR B 93 -1.66 19.94 2.07
C THR B 93 -0.57 19.88 3.13
N THR B 94 -0.90 19.50 4.37
CA THR B 94 0.14 19.46 5.39
C THR B 94 1.19 18.43 5.05
N VAL B 95 0.78 17.28 4.51
CA VAL B 95 1.75 16.24 4.23
C VAL B 95 2.80 16.74 3.24
N SER B 96 2.38 17.53 2.24
CA SER B 96 3.34 17.99 1.24
C SER B 96 4.47 18.77 1.90
N HIS B 97 4.14 19.56 2.94
CA HIS B 97 5.17 20.31 3.65
C HIS B 97 5.97 19.41 4.55
N VAL B 98 5.34 18.40 5.18
CA VAL B 98 6.10 17.44 5.98
C VAL B 98 7.09 16.68 5.07
N SER B 99 6.63 16.35 3.86
CA SER B 99 7.50 15.73 2.85
C SER B 99 8.70 16.61 2.54
N ASP B 100 8.44 17.91 2.28
CA ASP B 100 9.52 18.88 2.09
C ASP B 100 10.54 18.82 3.21
N ILE B 101 10.07 18.77 4.47
CA ILE B 101 10.94 18.90 5.63
C ILE B 101 11.80 17.64 5.84
N VAL B 102 11.22 16.45 5.67
CA VAL B 102 12.00 15.26 5.96
C VAL B 102 12.92 14.95 4.77
N GLY B 103 12.54 15.39 3.57
CA GLY B 103 13.41 15.31 2.41
C GLY B 103 13.61 13.90 1.90
N PRO B 104 14.45 13.75 0.87
CA PRO B 104 14.46 12.46 0.14
C PRO B 104 14.95 11.31 1.00
N ASP B 105 15.77 11.59 2.01
CA ASP B 105 16.21 10.56 2.94
C ASP B 105 15.17 10.25 4.01
N GLY B 106 14.10 11.03 4.12
CA GLY B 106 13.04 10.75 5.08
C GLY B 106 11.90 9.97 4.45
N LEU B 107 10.83 9.83 5.23
CA LEU B 107 9.73 8.94 4.84
C LEU B 107 8.44 9.41 5.49
N VAL B 108 7.40 9.61 4.67
CA VAL B 108 6.09 10.01 5.19
C VAL B 108 5.08 8.95 4.76
N TYR B 109 4.68 8.09 5.70
CA TYR B 109 3.50 7.25 5.47
C TYR B 109 2.28 8.12 5.63
N ALA B 110 1.44 8.17 4.62
CA ALA B 110 0.28 9.06 4.62
C ALA B 110 -1.00 8.24 4.48
N VAL B 111 -1.66 8.04 5.63
CA VAL B 111 -2.86 7.23 5.70
C VAL B 111 -4.04 8.16 5.52
N GLU B 112 -4.91 7.81 4.56
CA GLU B 112 -6.16 8.52 4.31
C GLU B 112 -7.25 7.50 4.02
N PHE B 113 -8.36 7.65 4.74
CA PHE B 113 -9.51 6.78 4.55
C PHE B 113 -10.25 7.09 3.26
N SER B 114 -10.31 8.37 2.90
CA SER B 114 -11.23 8.82 1.84
C SER B 114 -10.63 8.62 0.45
N HIS B 115 -11.40 7.99 -0.44
CA HIS B 115 -10.96 7.86 -1.83
C HIS B 115 -10.97 9.20 -2.56
N ARG B 116 -11.88 10.11 -2.24
CA ARG B 116 -11.84 11.41 -2.90
C ARG B 116 -10.51 12.10 -2.61
N SER B 117 -10.24 12.37 -1.32
CA SER B 117 -8.97 12.98 -0.95
C SER B 117 -7.80 12.09 -1.36
N GLY B 118 -7.96 10.77 -1.18
CA GLY B 118 -6.87 9.84 -1.46
C GLY B 118 -6.35 9.90 -2.89
N ARG B 119 -7.22 10.17 -3.85
CA ARG B 119 -6.76 10.33 -5.22
C ARG B 119 -5.75 11.47 -5.33
N ASP B 120 -6.13 12.63 -4.81
CA ASP B 120 -5.21 13.77 -4.71
C ASP B 120 -3.93 13.36 -4.03
N LEU B 121 -4.06 12.58 -2.96
CA LEU B 121 -2.90 12.16 -2.20
C LEU B 121 -1.99 11.28 -3.05
N ILE B 122 -2.57 10.30 -3.74
CA ILE B 122 -1.75 9.47 -4.62
C ILE B 122 -1.06 10.32 -5.70
N ASN B 123 -1.75 11.34 -6.21
CA ASN B 123 -1.11 12.12 -7.29
C ASN B 123 0.03 12.98 -6.77
N LEU B 124 -0.11 13.51 -5.54
CA LEU B 124 1.03 14.16 -4.90
C LEU B 124 2.18 13.18 -4.72
N ALA B 125 1.87 11.96 -4.26
CA ALA B 125 2.94 11.02 -3.97
C ALA B 125 3.66 10.55 -5.22
N LYS B 126 2.99 10.64 -6.38
CA LYS B 126 3.64 10.26 -7.62
C LYS B 126 4.85 11.14 -7.90
N LYS B 127 4.82 12.36 -7.40
CA LYS B 127 5.90 13.32 -7.62
C LYS B 127 6.93 13.30 -6.52
N ARG B 128 6.64 12.66 -5.38
CA ARG B 128 7.49 12.76 -4.21
C ARG B 128 7.86 11.36 -3.75
N THR B 129 9.14 11.04 -3.86
CA THR B 129 9.63 9.71 -3.54
C THR B 129 9.44 9.33 -2.08
N ASN B 130 9.29 10.29 -1.18
CA ASN B 130 9.30 9.96 0.25
C ASN B 130 7.90 9.85 0.85
N ILE B 131 6.86 9.94 0.04
CA ILE B 131 5.50 9.74 0.50
C ILE B 131 5.01 8.37 0.07
N ILE B 132 4.67 7.54 1.05
CA ILE B 132 3.91 6.30 0.88
C ILE B 132 2.44 6.56 1.17
N PRO B 133 1.61 6.67 0.16
CA PRO B 133 0.18 6.80 0.39
C PRO B 133 -0.46 5.46 0.74
N VAL B 134 -1.20 5.47 1.84
CA VAL B 134 -1.89 4.30 2.36
C VAL B 134 -3.35 4.64 2.41
N ILE B 135 -4.12 4.17 1.42
CA ILE B 135 -5.55 4.52 1.37
C ILE B 135 -6.29 3.41 2.13
N GLU B 136 -6.43 3.60 3.44
CA GLU B 136 -7.00 2.60 4.33
C GLU B 136 -7.53 3.29 5.59
N ASP B 137 -8.28 2.52 6.36
CA ASP B 137 -8.99 2.97 7.57
C ASP B 137 -8.04 2.80 8.74
N ALA B 138 -7.62 3.92 9.33
CA ALA B 138 -6.63 3.86 10.43
C ALA B 138 -7.19 3.17 11.68
N ARG B 139 -8.47 2.85 11.69
CA ARG B 139 -8.97 1.97 12.75
C ARG B 139 -8.41 0.57 12.68
N HIS B 140 -7.90 0.14 11.52
CA HIS B 140 -7.50 -1.25 11.29
C HIS B 140 -6.04 -1.29 10.84
N PRO B 141 -5.14 -0.85 11.69
CA PRO B 141 -3.72 -0.86 11.31
C PRO B 141 -3.26 -2.24 10.86
N HIS B 142 -4.02 -3.29 11.20
CA HIS B 142 -3.60 -4.62 10.77
C HIS B 142 -3.64 -4.76 9.26
N LYS B 143 -4.52 -4.02 8.59
CA LYS B 143 -4.60 -4.09 7.13
C LYS B 143 -3.37 -3.50 6.46
N TYR B 144 -2.59 -2.63 7.14
CA TYR B 144 -1.44 -2.04 6.48
C TYR B 144 -0.15 -2.15 7.30
N ARG B 145 -0.15 -2.97 8.36
CA ARG B 145 1.03 -3.08 9.24
C ARG B 145 2.26 -3.51 8.46
N MET B 146 2.10 -4.37 7.45
N MET B 146 2.09 -4.37 7.46
CA MET B 146 3.25 -4.88 6.72
CA MET B 146 3.23 -4.90 6.70
C MET B 146 3.91 -3.84 5.86
C MET B 146 3.93 -3.82 5.91
N LEU B 147 3.29 -2.68 5.68
CA LEU B 147 3.89 -1.60 4.92
C LEU B 147 4.71 -0.63 5.75
N ILE B 148 4.60 -0.64 7.08
CA ILE B 148 5.02 0.48 7.90
C ILE B 148 6.25 0.08 8.70
N ALA B 149 7.40 0.60 8.30
CA ALA B 149 8.58 0.54 9.12
C ALA B 149 8.31 1.39 10.38
N MET B 150 8.74 0.91 11.53
CA MET B 150 8.57 1.72 12.76
C MET B 150 9.02 3.17 12.55
N VAL B 151 8.19 4.11 12.99
CA VAL B 151 8.42 5.51 12.69
C VAL B 151 8.93 6.29 13.92
N ASP B 152 9.44 7.47 13.65
CA ASP B 152 9.95 8.38 14.66
C ASP B 152 8.87 9.26 15.26
N VAL B 153 7.76 9.46 14.58
CA VAL B 153 6.72 10.39 15.03
C VAL B 153 5.44 10.19 14.26
N ILE B 154 4.33 10.44 14.96
CA ILE B 154 2.99 10.39 14.37
C ILE B 154 2.44 11.81 14.37
N PHE B 155 1.76 12.15 13.27
CA PHE B 155 0.89 13.29 13.14
C PHE B 155 -0.55 12.84 12.94
N ALA B 156 -1.47 13.61 13.49
CA ALA B 156 -2.90 13.40 13.22
C ALA B 156 -3.70 14.61 13.65
N ASP B 157 -4.86 14.79 12.99
CA ASP B 157 -5.89 15.72 13.42
C ASP B 157 -7.04 14.89 13.96
N VAL B 158 -7.39 15.14 15.21
CA VAL B 158 -8.46 14.45 15.91
C VAL B 158 -9.71 15.33 15.83
N ALA B 159 -10.78 14.78 15.22
CA ALA B 159 -12.00 15.56 15.06
C ALA B 159 -13.23 14.75 15.43
N GLN B 160 -13.05 13.58 16.04
CA GLN B 160 -14.16 12.78 16.52
C GLN B 160 -13.78 12.21 17.88
N PRO B 161 -14.75 11.89 18.71
CA PRO B 161 -14.38 11.43 20.08
C PRO B 161 -13.74 10.04 20.11
N ASP B 162 -13.71 9.29 19.00
CA ASP B 162 -12.98 8.02 18.99
C ASP B 162 -11.56 8.13 18.42
N GLN B 163 -11.13 9.29 17.94
CA GLN B 163 -9.93 9.33 17.14
C GLN B 163 -8.64 9.40 17.96
N THR B 164 -8.67 9.90 19.20
CA THR B 164 -7.43 9.88 19.96
C THR B 164 -7.00 8.44 20.22
N ARG B 165 -7.98 7.55 20.42
CA ARG B 165 -7.66 6.13 20.64
C ARG B 165 -7.19 5.43 19.35
N ILE B 166 -7.76 5.81 18.23
CA ILE B 166 -7.26 5.34 16.92
C ILE B 166 -5.80 5.74 16.72
N VAL B 167 -5.48 7.01 17.00
CA VAL B 167 -4.11 7.44 16.92
C VAL B 167 -3.25 6.59 17.84
N ALA B 168 -3.70 6.40 19.09
CA ALA B 168 -2.94 5.60 20.04
C ALA B 168 -2.77 4.16 19.54
N LEU B 169 -3.82 3.58 18.93
CA LEU B 169 -3.70 2.24 18.37
C LEU B 169 -2.55 2.15 17.38
N ASN B 170 -2.34 3.23 16.60
CA ASN B 170 -1.29 3.26 15.60
C ASN B 170 0.06 3.51 16.23
N ALA B 171 0.11 4.35 17.26
CA ALA B 171 1.36 4.59 17.98
C ALA B 171 1.88 3.29 18.58
N HIS B 172 0.98 2.50 19.16
CA HIS B 172 1.39 1.25 19.78
C HIS B 172 1.99 0.35 18.72
N THR B 173 1.32 0.29 17.56
CA THR B 173 1.75 -0.53 16.44
C THR B 173 3.04 -0.01 15.81
N PHE B 174 3.20 1.30 15.65
CA PHE B 174 4.18 1.81 14.70
C PHE B 174 5.20 2.76 15.27
N LEU B 175 4.93 3.36 16.44
CA LEU B 175 5.73 4.44 16.97
C LEU B 175 6.81 3.90 17.89
N ARG B 176 8.05 4.32 17.65
CA ARG B 176 9.15 3.80 18.45
C ARG B 176 9.08 4.38 19.85
N ASN B 177 9.37 3.53 20.85
CA ASN B 177 9.54 3.98 22.23
C ASN B 177 10.40 5.24 22.32
N GLY B 178 9.86 6.26 22.96
CA GLY B 178 10.56 7.53 22.97
C GLY B 178 10.42 8.32 21.71
N GLY B 179 9.56 7.89 20.78
CA GLY B 179 9.20 8.72 19.65
C GLY B 179 8.17 9.74 20.10
N HIS B 180 7.76 10.58 19.16
CA HIS B 180 6.94 11.73 19.49
C HIS B 180 5.66 11.74 18.68
N PHE B 181 4.72 12.53 19.18
CA PHE B 181 3.46 12.75 18.48
C PHE B 181 3.09 14.23 18.50
N VAL B 182 2.42 14.63 17.44
CA VAL B 182 2.00 16.01 17.19
C VAL B 182 0.56 15.85 16.72
N ILE B 183 -0.38 16.23 17.59
CA ILE B 183 -1.79 15.91 17.41
C ILE B 183 -2.55 17.19 17.48
N SER B 184 -3.32 17.49 16.45
CA SER B 184 -4.22 18.62 16.50
C SER B 184 -5.60 18.11 16.93
N ILE B 185 -6.35 18.98 17.58
CA ILE B 185 -7.61 18.64 18.22
C ILE B 185 -8.58 19.71 17.77
N LYS B 186 -9.60 19.32 17.02
CA LYS B 186 -10.67 20.25 16.63
C LYS B 186 -11.82 20.06 17.60
N ALA B 187 -11.85 20.92 18.64
CA ALA B 187 -12.82 20.76 19.73
C ALA B 187 -14.28 20.73 19.26
N ASN B 188 -14.66 21.60 18.31
CA ASN B 188 -16.07 21.68 17.93
C ASN B 188 -16.58 20.39 17.29
N CYS B 189 -15.70 19.70 16.54
CA CYS B 189 -16.13 18.43 15.94
C CYS B 189 -16.17 17.33 16.98
N ILE B 190 -15.33 17.37 18.02
CA ILE B 190 -15.29 16.28 19.01
C ILE B 190 -16.56 16.29 19.87
N ASP B 191 -16.92 17.46 20.42
CA ASP B 191 -18.13 17.57 21.24
C ASP B 191 -18.54 19.03 21.26
N SER B 192 -19.52 19.38 20.45
CA SER B 192 -19.90 20.76 20.26
C SER B 192 -20.68 21.32 21.44
N THR B 193 -21.10 20.47 22.36
CA THR B 193 -21.75 20.89 23.59
C THR B 193 -20.80 21.09 24.77
N ALA B 194 -19.49 20.87 24.57
CA ALA B 194 -18.46 21.07 25.58
C ALA B 194 -17.63 22.28 25.18
N SER B 195 -17.01 22.89 26.18
CA SER B 195 -16.08 23.97 25.91
C SER B 195 -14.81 23.40 25.30
N ALA B 196 -14.12 24.22 24.53
CA ALA B 196 -12.85 23.83 23.95
C ALA B 196 -11.90 23.39 25.05
N GLU B 197 -11.86 24.13 26.17
CA GLU B 197 -10.95 23.72 27.24
C GLU B 197 -11.29 22.32 27.71
N ALA B 198 -12.56 22.03 27.89
CA ALA B 198 -12.94 20.73 28.39
C ALA B 198 -12.60 19.61 27.39
N VAL B 199 -12.81 19.85 26.09
CA VAL B 199 -12.44 18.90 25.07
C VAL B 199 -10.93 18.66 25.12
N PHE B 200 -10.15 19.74 25.10
CA PHE B 200 -8.71 19.58 25.11
C PHE B 200 -8.25 18.79 26.33
N ALA B 201 -8.82 19.11 27.51
CA ALA B 201 -8.41 18.42 28.71
C ALA B 201 -8.75 16.94 28.62
N SER B 202 -9.92 16.63 28.08
CA SER B 202 -10.36 15.25 27.92
C SER B 202 -9.46 14.49 26.95
N GLU B 203 -9.14 15.10 25.80
CA GLU B 203 -8.29 14.42 24.80
C GLU B 203 -6.87 14.25 25.34
N VAL B 204 -6.36 15.25 26.08
CA VAL B 204 -5.04 15.08 26.66
C VAL B 204 -5.07 13.93 27.67
N LYS B 205 -6.18 13.79 28.39
CA LYS B 205 -6.27 12.69 29.34
C LYS B 205 -6.20 11.35 28.62
N LYS B 206 -7.00 11.20 27.56
CA LYS B 206 -6.96 9.98 26.77
C LYS B 206 -5.54 9.66 26.32
N MET B 207 -4.79 10.67 25.89
CA MET B 207 -3.44 10.44 25.42
C MET B 207 -2.60 9.85 26.55
N GLN B 208 -2.62 10.51 27.71
CA GLN B 208 -1.90 10.08 28.90
C GLN B 208 -2.22 8.64 29.23
N GLN B 209 -3.49 8.27 29.12
CA GLN B 209 -3.89 6.92 29.42
C GLN B 209 -3.33 5.90 28.44
N GLU B 210 -2.68 6.37 27.36
CA GLU B 210 -2.08 5.49 26.34
C GLU B 210 -0.56 5.67 26.28
N ASN B 211 0.02 6.22 27.35
CA ASN B 211 1.44 6.50 27.47
C ASN B 211 1.93 7.42 26.37
N MET B 212 1.00 8.16 25.78
CA MET B 212 1.35 9.34 24.99
C MET B 212 1.27 10.54 25.92
N LYS B 213 2.43 11.11 26.27
CA LYS B 213 2.58 12.03 27.39
C LYS B 213 2.82 13.41 26.81
N PRO B 214 1.88 14.34 26.93
CA PRO B 214 2.09 15.67 26.34
C PRO B 214 3.29 16.38 26.96
N GLN B 215 4.01 17.10 26.13
CA GLN B 215 5.09 17.95 26.55
C GLN B 215 4.83 19.41 26.32
N GLU B 216 4.04 19.76 25.33
CA GLU B 216 3.57 21.13 25.19
C GLU B 216 2.21 21.08 24.51
N GLN B 217 1.49 22.21 24.63
CA GLN B 217 0.18 22.36 24.02
C GLN B 217 -0.08 23.84 23.78
N LEU B 218 -0.78 24.13 22.69
CA LEU B 218 -1.13 25.51 22.36
C LEU B 218 -2.37 25.49 21.48
N THR B 219 -3.03 26.64 21.41
CA THR B 219 -4.12 26.86 20.48
C THR B 219 -3.65 27.68 19.28
N LEU B 220 -4.52 27.73 18.27
CA LEU B 220 -4.13 28.14 16.94
C LEU B 220 -4.81 29.44 16.52
N GLU B 221 -5.39 30.18 17.45
CA GLU B 221 -5.89 31.51 17.12
C GLU B 221 -4.71 32.38 16.67
N PRO B 222 -4.89 33.24 15.66
CA PRO B 222 -6.06 33.64 14.88
C PRO B 222 -6.45 32.73 13.69
N TYR B 223 -5.68 31.67 13.42
CA TYR B 223 -5.89 30.93 12.17
C TYR B 223 -7.07 29.97 12.27
N GLU B 224 -7.38 29.51 13.47
CA GLU B 224 -8.48 28.59 13.73
C GLU B 224 -9.06 28.94 15.08
N ARG B 225 -10.34 28.64 15.28
CA ARG B 225 -10.90 28.74 16.63
C ARG B 225 -11.05 27.36 17.25
N ASP B 226 -10.92 27.31 18.57
CA ASP B 226 -11.14 26.09 19.33
C ASP B 226 -10.39 24.90 18.69
N HIS B 227 -9.12 25.15 18.33
CA HIS B 227 -8.23 24.16 17.74
C HIS B 227 -6.95 24.16 18.57
N ALA B 228 -6.50 22.99 18.97
CA ALA B 228 -5.25 22.86 19.72
C ALA B 228 -4.25 21.97 18.97
N VAL B 229 -2.99 22.14 19.33
CA VAL B 229 -1.94 21.19 19.00
C VAL B 229 -1.25 20.76 20.27
N VAL B 230 -1.12 19.43 20.42
CA VAL B 230 -0.41 18.79 21.51
C VAL B 230 0.82 18.06 20.94
N VAL B 231 1.98 18.39 21.48
CA VAL B 231 3.23 17.75 21.13
C VAL B 231 3.69 16.96 22.36
N GLY B 232 4.18 15.75 22.11
CA GLY B 232 4.41 14.83 23.19
C GLY B 232 5.33 13.68 22.82
N VAL B 233 5.51 12.81 23.82
CA VAL B 233 6.50 11.75 23.77
C VAL B 233 5.81 10.47 24.15
N TYR B 234 6.14 9.39 23.42
CA TYR B 234 5.50 8.10 23.58
C TYR B 234 6.42 7.24 24.44
N ARG B 235 5.89 6.76 25.57
CA ARG B 235 6.68 6.01 26.56
C ARG B 235 5.87 4.83 27.05
N PRO B 236 5.79 3.76 26.26
CA PRO B 236 4.89 2.63 26.60
C PRO B 236 5.55 1.67 27.57
N PRO B 237 4.76 0.78 28.19
CA PRO B 237 5.30 -0.18 29.19
C PRO B 237 5.80 -1.47 28.54
N PRO B 238 6.93 -2.02 29.00
CA PRO B 238 7.40 -3.27 28.41
C PRO B 238 6.40 -4.41 28.45
#